data_3TQ9
#
_entry.id   3TQ9
#
_cell.length_a   49.250
_cell.length_b   37.193
_cell.length_c   53.003
_cell.angle_alpha   90.00
_cell.angle_beta   107.66
_cell.angle_gamma   90.00
#
_symmetry.space_group_name_H-M   'P 1 21 1'
#
loop_
_entity.id
_entity.type
_entity.pdbx_description
1 polymer 'Dihydrofolate reductase'
2 non-polymer 'NADPH DIHYDRO-NICOTINAMIDE-ADENINE-DINUCLEOTIDE PHOSPHATE'
3 non-polymer METHOTREXATE
#
_entity_poly.entity_id   1
_entity_poly.type   'polypeptide(L)'
_entity_poly.pdbx_seq_one_letter_code
;MIITLIAAMDKNRLIGRNNELPWHLPADLAHFKSITLGKPIVMGRRTFDSIGKPLPHRRNIVITQQKNLIIEGCDIFYSL
DDALSALTKEPEVIIIGGARIFKEALPKADKMILTIINHSFEGDVYFPEWNDKEWKITSQIKHERDEKNPYPFQFLELRR
LENLYFQGHHHHHHHHHH
;
_entity_poly.pdbx_strand_id   A
#
# COMPACT_ATOMS: atom_id res chain seq x y z
N MET A 1 11.83 -13.22 0.71
CA MET A 1 11.05 -11.99 0.41
C MET A 1 10.20 -11.57 1.62
N ILE A 2 10.38 -10.33 2.05
CA ILE A 2 9.57 -9.76 3.11
C ILE A 2 8.44 -8.97 2.46
N ILE A 3 7.20 -9.21 2.89
CA ILE A 3 6.03 -8.54 2.33
C ILE A 3 5.57 -7.43 3.27
N THR A 4 5.60 -6.20 2.77
CA THR A 4 5.32 -5.04 3.58
C THR A 4 4.12 -4.29 3.04
N LEU A 5 3.16 -3.99 3.93
CA LEU A 5 2.03 -3.12 3.58
C LEU A 5 2.36 -1.72 4.08
N ILE A 6 2.24 -0.73 3.21
CA ILE A 6 2.36 0.67 3.58
C ILE A 6 1.02 1.36 3.29
N ALA A 7 0.44 1.99 4.31
CA ALA A 7 -0.86 2.63 4.15
C ALA A 7 -0.94 3.90 5.00
N ALA A 8 -1.66 4.90 4.48
CA ALA A 8 -2.03 6.07 5.26
C ALA A 8 -3.53 5.97 5.53
N MET A 9 -3.91 6.16 6.78
CA MET A 9 -5.30 5.96 7.20
C MET A 9 -5.62 6.84 8.38
N ASP A 10 -6.90 7.17 8.57
CA ASP A 10 -7.34 7.95 9.74
C ASP A 10 -7.70 7.03 10.92
N LYS A 11 -8.28 7.59 11.97
CA LYS A 11 -8.60 6.80 13.17
C LYS A 11 -9.71 5.76 12.95
N ASN A 12 -10.47 5.91 11.87
CA ASN A 12 -11.46 4.90 11.47
C ASN A 12 -10.97 3.96 10.37
N ARG A 13 -9.68 4.03 10.05
CA ARG A 13 -9.03 3.24 8.99
C ARG A 13 -9.44 3.62 7.56
N LEU A 14 -9.96 4.83 7.39
CA LEU A 14 -10.36 5.33 6.07
C LEU A 14 -9.10 5.59 5.24
N ILE A 15 -9.08 5.08 4.01
CA ILE A 15 -7.96 5.33 3.11
C ILE A 15 -8.34 6.06 1.82
N GLY A 16 -9.62 6.02 1.43
CA GLY A 16 -10.06 6.59 0.14
C GLY A 16 -11.47 7.17 0.12
N ARG A 17 -11.80 7.83 -1.00
CA ARG A 17 -13.10 8.45 -1.21
C ARG A 17 -13.23 8.78 -2.70
N ASN A 18 -14.26 8.25 -3.37
CA ASN A 18 -14.47 8.52 -4.80
C ASN A 18 -13.19 8.31 -5.61
N ASN A 19 -12.46 7.26 -5.23
CA ASN A 19 -11.19 6.87 -5.85
C ASN A 19 -10.06 7.91 -5.75
N GLU A 20 -10.16 8.79 -4.78
CA GLU A 20 -9.07 9.71 -4.43
C GLU A 20 -8.71 9.48 -2.97
N LEU A 21 -7.78 10.26 -2.44
CA LEU A 21 -7.50 10.25 -1.02
C LEU A 21 -8.43 11.28 -0.36
N PRO A 22 -8.78 11.07 0.93
CA PRO A 22 -9.61 12.06 1.64
C PRO A 22 -8.84 13.26 2.21
N TRP A 23 -7.54 13.31 1.94
CA TRP A 23 -6.68 14.39 2.41
C TRP A 23 -5.58 14.67 1.40
N HIS A 24 -4.71 15.60 1.77
CA HIS A 24 -3.41 15.76 1.14
C HIS A 24 -2.47 16.07 2.28
N LEU A 25 -1.53 15.16 2.53
CA LEU A 25 -0.62 15.25 3.66
C LEU A 25 0.80 15.11 3.11
N PRO A 26 1.44 16.24 2.74
CA PRO A 26 2.75 16.23 2.08
C PRO A 26 3.82 15.49 2.88
N ALA A 27 3.74 15.57 4.21
CA ALA A 27 4.64 14.82 5.09
C ALA A 27 4.50 13.30 4.88
N ASP A 28 3.29 12.84 4.61
CA ASP A 28 3.08 11.41 4.36
C ASP A 28 3.65 10.98 3.01
N LEU A 29 3.50 11.83 2.00
CA LEU A 29 3.93 11.48 0.64
C LEU A 29 5.44 11.40 0.52
N ALA A 30 6.17 12.25 1.25
CA ALA A 30 7.63 12.18 1.28
C ALA A 30 8.12 11.01 2.13
N HIS A 31 7.32 10.60 3.10
CA HIS A 31 7.58 9.39 3.88
C HIS A 31 7.42 8.17 2.98
N PHE A 32 6.27 8.09 2.32
CA PHE A 32 5.97 7.08 1.31
C PHE A 32 7.04 6.97 0.21
N LYS A 33 7.65 8.09 -0.17
CA LYS A 33 8.62 8.11 -1.27
C LYS A 33 9.95 7.46 -0.88
N SER A 34 10.51 7.91 0.24
CA SER A 34 11.77 7.37 0.74
C SER A 34 11.64 5.87 1.04
N ILE A 35 10.53 5.49 1.66
CA ILE A 35 10.28 4.10 1.99
C ILE A 35 10.19 3.23 0.74
N THR A 36 9.59 3.74 -0.34
CA THR A 36 9.33 2.91 -1.53
C THR A 36 10.35 3.07 -2.67
N LEU A 37 11.23 4.06 -2.58
CA LEU A 37 12.24 4.32 -3.63
C LEU A 37 13.12 3.09 -3.89
N GLY A 38 13.19 2.71 -5.16
CA GLY A 38 14.08 1.62 -5.61
C GLY A 38 13.56 0.20 -5.37
N LYS A 39 12.30 0.08 -4.94
CA LYS A 39 11.75 -1.22 -4.60
C LYS A 39 10.53 -1.54 -5.47
N PRO A 40 10.20 -2.83 -5.61
CA PRO A 40 8.94 -3.20 -6.26
C PRO A 40 7.75 -2.77 -5.42
N ILE A 41 6.87 -1.95 -6.00
CA ILE A 41 5.60 -1.58 -5.37
C ILE A 41 4.44 -2.27 -6.12
N VAL A 42 3.57 -2.93 -5.35
CA VAL A 42 2.42 -3.66 -5.88
C VAL A 42 1.17 -2.87 -5.54
N MET A 43 0.36 -2.59 -6.55
CA MET A 43 -0.87 -1.82 -6.39
C MET A 43 -2.00 -2.43 -7.20
N GLY A 44 -3.23 -2.13 -6.82
CA GLY A 44 -4.39 -2.50 -7.63
C GLY A 44 -4.58 -1.53 -8.79
N ARG A 45 -5.39 -1.91 -9.76
CA ARG A 45 -5.61 -1.08 -10.94
C ARG A 45 -6.32 0.22 -10.58
N ARG A 46 -7.27 0.18 -9.64
CA ARG A 46 -7.95 1.38 -9.21
C ARG A 46 -6.96 2.34 -8.55
N THR A 47 -6.05 1.85 -7.72
CA THR A 47 -5.04 2.71 -7.09
C THR A 47 -4.11 3.31 -8.14
N PHE A 48 -3.80 2.59 -9.21
CA PHE A 48 -2.96 3.16 -10.25
C PHE A 48 -3.61 4.35 -10.93
N ASP A 49 -4.89 4.19 -11.25
CA ASP A 49 -5.67 5.26 -11.85
C ASP A 49 -5.74 6.49 -10.93
N SER A 50 -5.75 6.27 -9.63
CA SER A 50 -5.82 7.34 -8.62
C SER A 50 -4.55 8.18 -8.63
N ILE A 51 -3.41 7.49 -8.77
CA ILE A 51 -2.11 8.14 -8.79
C ILE A 51 -1.97 8.89 -10.09
N GLY A 52 -2.30 8.20 -11.18
CA GLY A 52 -2.42 8.84 -12.50
C GLY A 52 -1.25 8.56 -13.41
N LYS A 53 -0.17 8.05 -12.84
CA LYS A 53 1.05 7.78 -13.60
C LYS A 53 2.00 6.88 -12.80
N PRO A 54 2.93 6.19 -13.50
CA PRO A 54 3.91 5.38 -12.78
C PRO A 54 4.66 6.25 -11.80
N LEU A 55 4.90 5.77 -10.59
CA LEU A 55 5.73 6.51 -9.64
C LEU A 55 7.18 6.36 -10.10
N PRO A 56 7.93 7.47 -10.23
CA PRO A 56 9.28 7.38 -10.77
C PRO A 56 10.24 6.64 -9.84
N HIS A 57 11.27 6.03 -10.44
CA HIS A 57 12.35 5.39 -9.68
C HIS A 57 11.90 4.19 -8.84
N ARG A 58 10.83 3.54 -9.28
CA ARG A 58 10.28 2.34 -8.66
C ARG A 58 9.73 1.43 -9.74
N ARG A 59 9.74 0.13 -9.46
CA ARG A 59 9.12 -0.83 -10.34
C ARG A 59 7.65 -0.85 -9.98
N ASN A 60 6.84 -0.25 -10.84
CA ASN A 60 5.41 -0.20 -10.62
C ASN A 60 4.82 -1.50 -11.10
N ILE A 61 4.13 -2.21 -10.20
CA ILE A 61 3.48 -3.47 -10.54
C ILE A 61 1.99 -3.32 -10.29
N VAL A 62 1.18 -3.54 -11.32
CA VAL A 62 -0.28 -3.36 -11.23
C VAL A 62 -1.05 -4.70 -11.40
N ILE A 63 -2.01 -4.93 -10.51
CA ILE A 63 -2.82 -6.15 -10.53
C ILE A 63 -4.20 -5.83 -11.11
N THR A 64 -4.55 -6.53 -12.20
CA THR A 64 -5.83 -6.37 -12.84
C THR A 64 -6.35 -7.73 -13.26
N GLN A 65 -7.64 -7.82 -13.55
CA GLN A 65 -8.20 -9.01 -14.18
C GLN A 65 -8.36 -8.80 -15.68
N GLN A 66 -8.17 -7.57 -16.15
CA GLN A 66 -8.32 -7.25 -17.55
C GLN A 66 -7.11 -7.77 -18.32
N LYS A 67 -7.33 -8.74 -19.19
CA LYS A 67 -6.24 -9.43 -19.86
C LYS A 67 -5.62 -8.62 -21.01
N ASN A 68 -6.44 -7.82 -21.70
CA ASN A 68 -5.96 -6.92 -22.75
C ASN A 68 -5.38 -5.59 -22.23
N LEU A 69 -5.42 -5.35 -20.93
CA LEU A 69 -5.01 -4.05 -20.39
C LEU A 69 -3.49 -3.94 -20.39
N ILE A 70 -3.01 -2.86 -21.00
CA ILE A 70 -1.61 -2.50 -20.94
C ILE A 70 -1.52 -1.11 -20.34
N ILE A 71 -0.65 -0.97 -19.35
CA ILE A 71 -0.34 0.31 -18.76
C ILE A 71 1.14 0.56 -19.00
N GLU A 72 1.43 1.71 -19.62
CA GLU A 72 2.79 2.11 -19.94
C GLU A 72 3.55 2.44 -18.67
N GLY A 73 4.76 1.88 -18.54
CA GLY A 73 5.65 2.11 -17.40
C GLY A 73 5.57 1.07 -16.29
N CYS A 74 4.51 0.25 -16.31
CA CYS A 74 4.20 -0.69 -15.24
C CYS A 74 4.19 -2.14 -15.72
N ASP A 75 4.45 -3.08 -14.81
CA ASP A 75 4.27 -4.51 -15.08
C ASP A 75 2.88 -4.89 -14.62
N ILE A 76 2.17 -5.66 -15.45
CA ILE A 76 0.83 -6.13 -15.14
C ILE A 76 0.87 -7.58 -14.72
N PHE A 77 0.18 -7.91 -13.63
CA PHE A 77 -0.02 -9.29 -13.24
C PHE A 77 -1.50 -9.53 -12.99
N TYR A 78 -1.94 -10.77 -13.15
CA TYR A 78 -3.36 -11.08 -13.11
C TYR A 78 -3.83 -11.60 -11.75
N SER A 79 -2.93 -11.67 -10.78
CA SER A 79 -3.30 -11.95 -9.41
C SER A 79 -2.16 -11.47 -8.56
N LEU A 80 -2.44 -11.24 -7.28
CA LEU A 80 -1.39 -10.91 -6.33
C LEU A 80 -0.42 -12.07 -6.24
N ASP A 81 -0.92 -13.30 -6.36
CA ASP A 81 -0.08 -14.48 -6.27
C ASP A 81 0.89 -14.63 -7.44
N ASP A 82 0.46 -14.29 -8.66
CA ASP A 82 1.40 -14.27 -9.80
C ASP A 82 2.50 -13.20 -9.57
N ALA A 83 2.13 -12.07 -8.96
CA ALA A 83 3.09 -10.99 -8.70
C ALA A 83 4.15 -11.45 -7.71
N LEU A 84 3.70 -11.89 -6.54
CA LEU A 84 4.58 -12.34 -5.47
C LEU A 84 5.46 -13.51 -5.89
N SER A 85 4.91 -14.36 -6.76
CA SER A 85 5.64 -15.51 -7.30
C SER A 85 6.74 -15.06 -8.26
N ALA A 86 6.51 -13.95 -8.96
CA ALA A 86 7.48 -13.38 -9.93
C ALA A 86 8.56 -12.56 -9.24
N LEU A 87 8.28 -12.11 -8.02
CA LEU A 87 9.22 -11.32 -7.24
C LEU A 87 9.92 -12.16 -6.16
N THR A 88 9.96 -13.48 -6.35
CA THR A 88 10.55 -14.43 -5.36
C THR A 88 11.95 -14.02 -4.94
N LYS A 89 12.77 -13.64 -5.92
CA LYS A 89 14.17 -13.31 -5.66
C LYS A 89 14.38 -11.90 -5.09
N GLU A 90 13.31 -11.12 -4.97
CA GLU A 90 13.38 -9.80 -4.34
C GLU A 90 13.51 -9.94 -2.82
N PRO A 91 14.27 -9.03 -2.19
CA PRO A 91 14.39 -9.04 -0.73
C PRO A 91 13.21 -8.41 -0.03
N GLU A 92 12.59 -7.40 -0.64
CA GLU A 92 11.37 -6.82 -0.09
C GLU A 92 10.40 -6.45 -1.21
N VAL A 93 9.12 -6.76 -0.99
CA VAL A 93 8.02 -6.32 -1.86
C VAL A 93 7.09 -5.44 -1.04
N ILE A 94 6.73 -4.28 -1.60
CA ILE A 94 5.92 -3.30 -0.89
C ILE A 94 4.56 -3.17 -1.54
N ILE A 95 3.54 -3.49 -0.75
CA ILE A 95 2.17 -3.43 -1.20
C ILE A 95 1.63 -2.08 -0.81
N ILE A 96 1.20 -1.29 -1.81
CA ILE A 96 0.75 0.08 -1.56
C ILE A 96 -0.78 0.26 -1.58
N GLY A 97 -1.55 -0.77 -1.89
CA GLY A 97 -3.02 -0.68 -1.85
C GLY A 97 -3.65 -1.01 -3.17
N GLY A 98 -4.96 -0.83 -3.31
CA GLY A 98 -5.83 -0.20 -2.32
C GLY A 98 -6.54 -1.18 -1.42
N ALA A 99 -7.80 -0.90 -1.11
CA ALA A 99 -8.56 -1.66 -0.11
C ALA A 99 -8.64 -3.15 -0.44
N ARG A 100 -8.88 -3.48 -1.70
CA ARG A 100 -8.99 -4.89 -2.11
C ARG A 100 -7.63 -5.59 -2.06
N ILE A 101 -6.58 -4.90 -2.49
CA ILE A 101 -5.25 -5.51 -2.48
C ILE A 101 -4.76 -5.68 -1.04
N PHE A 102 -4.92 -4.65 -0.21
CA PHE A 102 -4.55 -4.74 1.18
C PHE A 102 -5.17 -5.96 1.86
N LYS A 103 -6.47 -6.18 1.63
CA LYS A 103 -7.19 -7.27 2.29
C LYS A 103 -6.65 -8.64 1.91
N GLU A 104 -6.33 -8.81 0.63
CA GLU A 104 -5.77 -10.06 0.15
C GLU A 104 -4.31 -10.23 0.61
N ALA A 105 -3.55 -9.14 0.60
CA ALA A 105 -2.16 -9.15 1.08
C ALA A 105 -2.02 -9.37 2.58
N LEU A 106 -2.92 -8.79 3.38
CA LEU A 106 -2.76 -8.74 4.84
C LEU A 106 -2.34 -10.08 5.48
N PRO A 107 -3.02 -11.19 5.13
CA PRO A 107 -2.65 -12.46 5.78
C PRO A 107 -1.30 -13.05 5.33
N LYS A 108 -0.68 -12.44 4.32
CA LYS A 108 0.67 -12.76 3.90
C LYS A 108 1.70 -11.75 4.41
N ALA A 109 1.22 -10.67 5.03
CA ALA A 109 2.05 -9.54 5.40
C ALA A 109 3.03 -9.89 6.50
N ASP A 110 4.30 -9.55 6.29
CA ASP A 110 5.34 -9.69 7.29
C ASP A 110 5.45 -8.42 8.12
N LYS A 111 5.42 -7.27 7.43
CA LYS A 111 5.59 -5.97 8.07
C LYS A 111 4.50 -5.00 7.62
N MET A 112 4.15 -4.07 8.49
CA MET A 112 3.25 -2.96 8.15
C MET A 112 3.91 -1.61 8.48
N ILE A 113 3.77 -0.65 7.58
CA ILE A 113 4.21 0.72 7.83
C ILE A 113 3.00 1.63 7.67
N LEU A 114 2.44 2.06 8.80
CA LEU A 114 1.14 2.73 8.81
C LEU A 114 1.20 4.19 9.30
N THR A 115 0.67 5.11 8.49
CA THR A 115 0.46 6.49 8.91
C THR A 115 -0.98 6.59 9.40
N ILE A 116 -1.18 6.80 10.70
CA ILE A 116 -2.53 6.93 11.27
C ILE A 116 -2.81 8.38 11.60
N ILE A 117 -3.75 8.97 10.86
CA ILE A 117 -4.08 10.40 10.97
C ILE A 117 -5.14 10.63 12.03
N ASN A 118 -4.89 11.55 12.96
CA ASN A 118 -5.81 11.79 14.09
C ASN A 118 -6.97 12.68 13.66
N HIS A 119 -7.93 12.12 12.94
CA HIS A 119 -9.09 12.85 12.42
C HIS A 119 -10.11 11.86 11.88
N SER A 120 -11.32 12.32 11.58
CA SER A 120 -12.35 11.45 11.01
C SER A 120 -12.96 12.09 9.75
N PHE A 121 -12.52 11.61 8.59
CA PHE A 121 -12.94 12.14 7.30
C PHE A 121 -14.14 11.37 6.76
N GLU A 122 -14.80 11.92 5.74
CA GLU A 122 -15.82 11.16 5.00
C GLU A 122 -15.19 10.37 3.86
N GLY A 123 -15.60 9.11 3.70
CA GLY A 123 -15.10 8.25 2.62
C GLY A 123 -15.83 6.92 2.48
N ASP A 124 -15.36 6.10 1.52
CA ASP A 124 -16.05 4.86 1.19
C ASP A 124 -15.17 3.59 1.09
N VAL A 125 -13.84 3.73 1.19
CA VAL A 125 -12.96 2.55 1.25
C VAL A 125 -12.10 2.60 2.51
N TYR A 126 -11.75 1.43 3.02
CA TYR A 126 -11.10 1.29 4.33
C TYR A 126 -9.94 0.30 4.29
N PHE A 127 -8.99 0.48 5.19
CA PHE A 127 -7.91 -0.48 5.38
C PHE A 127 -8.44 -1.56 6.32
N PRO A 128 -8.22 -2.83 5.97
CA PRO A 128 -8.80 -3.97 6.70
C PRO A 128 -8.37 -4.05 8.15
N GLU A 129 -9.24 -4.57 9.02
CA GLU A 129 -8.89 -4.69 10.43
C GLU A 129 -7.81 -5.74 10.63
N TRP A 130 -6.81 -5.39 11.44
CA TRP A 130 -5.76 -6.32 11.81
C TRP A 130 -5.84 -6.65 13.30
N ASN A 131 -5.65 -7.92 13.63
CA ASN A 131 -5.68 -8.38 15.00
C ASN A 131 -4.44 -7.89 15.75
N ASP A 132 -4.60 -6.84 16.57
CA ASP A 132 -3.47 -6.21 17.26
C ASP A 132 -2.59 -7.21 18.05
N LYS A 133 -3.15 -8.36 18.42
CA LYS A 133 -2.41 -9.38 19.16
C LYS A 133 -1.39 -10.14 18.28
N GLU A 134 -1.51 -10.03 16.96
CA GLU A 134 -0.61 -10.72 16.03
C GLU A 134 0.61 -9.88 15.62
N TRP A 135 0.59 -8.58 15.93
CA TRP A 135 1.65 -7.64 15.52
C TRP A 135 2.31 -6.96 16.72
N LYS A 136 3.52 -6.45 16.52
CA LYS A 136 4.25 -5.72 17.57
C LYS A 136 4.86 -4.44 17.01
N ILE A 137 4.75 -3.36 17.78
CA ILE A 137 5.25 -2.06 17.37
C ILE A 137 6.78 -2.07 17.44
N THR A 138 7.44 -1.95 16.30
CA THR A 138 8.91 -1.83 16.26
C THR A 138 9.37 -0.35 16.25
N SER A 139 8.48 0.57 15.84
CA SER A 139 8.78 2.00 15.86
C SER A 139 7.49 2.83 15.92
N GLN A 140 7.50 3.88 16.74
CA GLN A 140 6.38 4.82 16.81
C GLN A 140 6.86 6.26 16.94
N ILE A 141 6.56 7.07 15.93
CA ILE A 141 6.95 8.47 15.92
C ILE A 141 5.70 9.33 15.69
N LYS A 142 5.27 10.03 16.74
CA LYS A 142 4.11 10.92 16.69
C LYS A 142 4.54 12.31 16.26
N HIS A 143 4.19 12.70 15.03
CA HIS A 143 4.49 14.04 14.52
C HIS A 143 3.35 14.98 14.88
N PHE A 153 -0.99 13.29 13.02
CA PHE A 153 -0.61 12.00 12.43
C PHE A 153 0.61 11.36 13.11
N GLN A 154 0.91 10.11 12.74
CA GLN A 154 2.07 9.39 13.28
C GLN A 154 2.53 8.22 12.39
N PHE A 155 3.83 7.90 12.47
CA PHE A 155 4.40 6.76 11.76
C PHE A 155 4.57 5.55 12.69
N LEU A 156 3.87 4.48 12.34
CA LEU A 156 3.82 3.24 13.13
C LEU A 156 4.37 2.09 12.28
N GLU A 157 5.43 1.46 12.77
CA GLU A 157 6.00 0.26 12.14
C GLU A 157 5.69 -0.97 12.98
N LEU A 158 4.97 -1.93 12.41
CA LEU A 158 4.62 -3.16 13.08
C LEU A 158 5.27 -4.32 12.36
N ARG A 159 5.87 -5.23 13.11
CA ARG A 159 6.43 -6.46 12.56
C ARG A 159 5.58 -7.61 13.07
N ARG A 160 5.41 -8.64 12.24
CA ARG A 160 4.67 -9.84 12.66
C ARG A 160 5.59 -10.85 13.32
#